data_3TS0
#
_entry.id   3TS0
#
_cell.length_a   139.880
_cell.length_b   139.880
_cell.length_c   85.550
_cell.angle_alpha   90.00
_cell.angle_beta   90.00
_cell.angle_gamma   90.00
#
_symmetry.space_group_name_H-M   'P 41 21 2'
#
loop_
_entity.id
_entity.type
_entity.pdbx_description
1 polymer 'Protein lin-28 homolog A'
2 polymer "RNA (5'-R(*GP*GP*GP*GP*UP*AP*GP*UP*GP*AP*UP*UP*UP*UP*AP*CP*CP*CP*UP*GP*GP*AP*G)-3')"
3 non-polymer 'ZINC ION'
#
loop_
_entity_poly.entity_id
_entity_poly.type
_entity_poly.pdbx_seq_one_letter_code
_entity_poly.pdbx_strand_id
1 'polypeptide(L)'
;DEPQLLHGAGICKWFNVRMGFGFLSMTARAGVALDPPVDVFVHQSKLHMEGFRSLKEGEAVEFTFKKSAKGLESIRVTGP
GGVFCIGSERRPKGGDRCYNCGGLDHHAKECKLPPQPKKCHFCQSINHMVASCPLKAQQGPSSQGK
;
A,B
2 'polyribonucleotide' (GMP)GGGUAGUGAUUUUACCCUGGAG U,V
#
loop_
_chem_comp.id
_chem_comp.type
_chem_comp.name
_chem_comp.formula
A RNA linking ADENOSINE-5'-MONOPHOSPHATE 'C10 H14 N5 O7 P'
C RNA linking CYTIDINE-5'-MONOPHOSPHATE 'C9 H14 N3 O8 P'
G RNA linking GUANOSINE-5'-MONOPHOSPHATE 'C10 H14 N5 O8 P'
GMP non-polymer GUANOSINE 'C10 H13 N5 O5'
U RNA linking URIDINE-5'-MONOPHOSPHATE 'C9 H13 N2 O9 P'
ZN non-polymer 'ZINC ION' 'Zn 2'
#
# COMPACT_ATOMS: atom_id res chain seq x y z
N PRO A 3 16.17 -15.34 -39.53
CA PRO A 3 16.12 -15.20 -38.06
C PRO A 3 15.02 -14.20 -37.68
N GLN A 4 13.78 -14.69 -37.58
CA GLN A 4 12.57 -13.91 -37.36
C GLN A 4 12.17 -13.79 -35.91
N LEU A 5 12.28 -14.88 -35.14
CA LEU A 5 11.90 -14.99 -33.74
C LEU A 5 13.13 -15.08 -32.89
N LEU A 6 13.30 -14.10 -32.02
CA LEU A 6 14.46 -14.08 -31.16
C LEU A 6 14.12 -14.22 -29.73
N HIS A 7 15.06 -14.78 -28.94
CA HIS A 7 14.89 -14.93 -27.50
C HIS A 7 15.56 -13.69 -26.88
N GLY A 8 14.93 -13.11 -25.90
CA GLY A 8 15.49 -11.97 -25.20
C GLY A 8 15.24 -12.08 -23.72
N ALA A 9 15.99 -11.32 -22.92
CA ALA A 9 15.79 -11.26 -21.47
C ALA A 9 16.16 -9.86 -20.99
N GLY A 10 15.53 -9.46 -19.89
CA GLY A 10 15.76 -8.17 -19.28
C GLY A 10 14.80 -7.86 -18.16
N ILE A 11 14.39 -6.60 -18.08
CA ILE A 11 13.52 -6.10 -17.03
C ILE A 11 12.50 -5.16 -17.67
N CYS A 12 11.39 -4.90 -16.99
CA CYS A 12 10.44 -3.96 -17.55
C CYS A 12 10.97 -2.49 -17.38
N LYS A 13 11.00 -1.71 -18.48
CA LYS A 13 11.46 -0.32 -18.44
C LYS A 13 10.35 0.52 -17.83
N TRP A 14 9.15 0.40 -18.40
CA TRP A 14 7.96 1.07 -17.94
C TRP A 14 6.76 0.38 -18.57
N PHE A 15 5.60 0.52 -17.95
CA PHE A 15 4.31 0.02 -18.41
C PHE A 15 3.20 0.93 -17.86
N ASN A 16 2.26 1.29 -18.75
CA ASN A 16 1.10 2.09 -18.41
C ASN A 16 -0.05 1.10 -18.47
N VAL A 17 -0.60 0.75 -17.28
CA VAL A 17 -1.65 -0.26 -17.23
C VAL A 17 -2.96 0.09 -17.95
N ARG A 18 -3.41 1.35 -17.85
CA ARG A 18 -4.59 1.84 -18.57
C ARG A 18 -4.38 1.75 -20.07
N MET A 19 -3.25 2.26 -20.60
CA MET A 19 -2.96 2.24 -22.04
C MET A 19 -2.72 0.84 -22.60
N GLY A 20 -2.28 -0.08 -21.74
CA GLY A 20 -2.08 -1.47 -22.12
C GLY A 20 -0.78 -1.80 -22.80
N PHE A 21 0.19 -0.90 -22.69
CA PHE A 21 1.51 -1.09 -23.29
C PHE A 21 2.58 -0.39 -22.53
N GLY A 22 3.81 -0.74 -22.87
CA GLY A 22 5.05 -0.24 -22.28
C GLY A 22 6.23 -0.81 -23.01
N PHE A 23 7.41 -0.78 -22.36
CA PHE A 23 8.67 -1.24 -22.95
C PHE A 23 9.49 -2.04 -21.99
N LEU A 24 10.24 -2.98 -22.54
CA LEU A 24 11.15 -3.86 -21.82
C LEU A 24 12.53 -3.35 -22.17
N SER A 25 13.44 -3.44 -21.20
CA SER A 25 14.84 -3.09 -21.37
C SER A 25 15.52 -4.41 -21.60
N MET A 26 15.92 -4.72 -22.85
CA MET A 26 16.56 -6.02 -23.13
C MET A 26 18.04 -5.97 -22.79
N THR A 27 18.47 -6.76 -21.78
CA THR A 27 19.87 -6.73 -21.35
C THR A 27 20.69 -7.87 -21.89
N ALA A 28 19.99 -8.86 -22.47
CA ALA A 28 20.58 -10.05 -23.08
C ALA A 28 19.69 -10.47 -24.26
N ARG A 29 20.31 -10.60 -25.46
CA ARG A 29 19.67 -11.01 -26.72
C ARG A 29 20.30 -12.33 -27.11
N ALA A 30 19.46 -13.38 -27.28
CA ALA A 30 19.90 -14.73 -27.65
C ALA A 30 21.04 -15.24 -26.76
N GLY A 31 20.98 -14.91 -25.48
CA GLY A 31 21.97 -15.33 -24.50
C GLY A 31 23.19 -14.44 -24.36
N VAL A 32 23.39 -13.52 -25.31
CA VAL A 32 24.53 -12.60 -25.26
C VAL A 32 24.17 -11.25 -24.61
N ALA A 33 24.93 -10.83 -23.58
CA ALA A 33 24.76 -9.56 -22.88
C ALA A 33 24.87 -8.33 -23.76
N LEU A 34 23.94 -7.40 -23.60
CA LEU A 34 23.94 -6.14 -24.34
C LEU A 34 24.30 -5.00 -23.42
N ASP A 35 25.20 -4.14 -23.89
CA ASP A 35 25.55 -2.87 -23.28
C ASP A 35 25.79 -1.84 -24.42
N PRO A 36 24.89 -0.87 -24.62
CA PRO A 36 23.67 -0.57 -23.82
C PRO A 36 22.54 -1.57 -24.04
N PRO A 37 21.53 -1.60 -23.13
CA PRO A 37 20.36 -2.44 -23.37
C PRO A 37 19.49 -1.84 -24.48
N VAL A 38 18.64 -2.64 -25.08
CA VAL A 38 17.77 -2.17 -26.15
C VAL A 38 16.31 -2.31 -25.81
N ASP A 39 15.53 -1.23 -26.03
CA ASP A 39 14.11 -1.21 -25.72
C ASP A 39 13.32 -2.13 -26.65
N VAL A 40 12.39 -2.93 -26.08
CA VAL A 40 11.52 -3.85 -26.82
C VAL A 40 10.09 -3.50 -26.41
N PHE A 41 9.22 -3.18 -27.38
CA PHE A 41 7.80 -2.87 -27.13
C PHE A 41 7.07 -4.08 -26.59
N VAL A 42 6.16 -3.86 -25.64
CA VAL A 42 5.32 -4.90 -25.06
C VAL A 42 3.86 -4.43 -24.97
N HIS A 43 2.93 -5.30 -25.37
CA HIS A 43 1.51 -5.04 -25.32
C HIS A 43 0.90 -6.03 -24.35
N GLN A 44 -0.03 -5.58 -23.52
CA GLN A 44 -0.64 -6.43 -22.50
C GLN A 44 -1.09 -7.79 -23.01
N SER A 45 -1.54 -7.85 -24.29
CA SER A 45 -2.04 -9.08 -24.89
C SER A 45 -1.01 -10.22 -24.88
N LYS A 46 0.29 -9.85 -24.82
CA LYS A 46 1.40 -10.81 -24.87
C LYS A 46 2.03 -11.17 -23.54
N LEU A 47 1.38 -10.86 -22.42
CA LEU A 47 1.92 -11.12 -21.09
C LEU A 47 1.40 -12.43 -20.52
N HIS A 48 2.32 -13.30 -20.08
CA HIS A 48 1.97 -14.58 -19.48
C HIS A 48 1.63 -14.32 -18.02
N MET A 49 0.32 -14.26 -17.71
CA MET A 49 -0.24 -13.96 -16.39
C MET A 49 -1.67 -14.48 -16.24
N GLU A 50 -2.12 -14.66 -14.98
CA GLU A 50 -3.49 -15.06 -14.70
C GLU A 50 -4.32 -13.78 -14.51
N GLY A 51 -5.44 -13.69 -15.21
CA GLY A 51 -6.34 -12.53 -15.15
C GLY A 51 -5.80 -11.29 -15.84
N PHE A 52 -6.27 -10.11 -15.39
CA PHE A 52 -5.86 -8.82 -15.93
C PHE A 52 -4.34 -8.68 -15.92
N ARG A 53 -3.78 -8.35 -17.12
CA ARG A 53 -2.36 -8.25 -17.42
C ARG A 53 -1.80 -6.87 -17.38
N SER A 54 -0.56 -6.78 -16.90
CA SER A 54 0.23 -5.57 -16.68
C SER A 54 1.57 -6.05 -16.19
N LEU A 55 2.60 -5.19 -16.27
CA LEU A 55 3.93 -5.45 -15.74
C LEU A 55 4.23 -4.28 -14.83
N LYS A 56 5.12 -4.46 -13.84
CA LYS A 56 5.54 -3.33 -13.01
C LYS A 56 6.96 -2.96 -13.44
N GLU A 57 7.33 -1.71 -13.29
CA GLU A 57 8.67 -1.26 -13.66
C GLU A 57 9.72 -2.04 -12.87
N GLY A 58 10.71 -2.58 -13.56
CA GLY A 58 11.83 -3.29 -12.94
C GLY A 58 11.72 -4.80 -12.81
N GLU A 59 10.51 -5.36 -13.00
CA GLU A 59 10.37 -6.80 -12.89
C GLU A 59 11.12 -7.52 -14.03
N ALA A 60 11.84 -8.60 -13.67
CA ALA A 60 12.64 -9.48 -14.50
C ALA A 60 11.77 -10.29 -15.47
N VAL A 61 12.11 -10.23 -16.77
CA VAL A 61 11.36 -10.89 -17.84
C VAL A 61 12.30 -11.69 -18.77
N GLU A 62 11.72 -12.69 -19.42
CA GLU A 62 12.28 -13.51 -20.49
C GLU A 62 11.19 -13.43 -21.55
N PHE A 63 11.56 -13.47 -22.81
CA PHE A 63 10.56 -13.25 -23.84
C PHE A 63 11.05 -13.63 -25.20
N THR A 64 10.12 -13.73 -26.14
CA THR A 64 10.45 -13.88 -27.55
C THR A 64 10.03 -12.59 -28.20
N PHE A 65 10.79 -12.17 -29.21
CA PHE A 65 10.49 -10.92 -29.90
C PHE A 65 10.85 -11.04 -31.38
N LYS A 66 10.49 -9.99 -32.17
CA LYS A 66 10.66 -9.89 -33.61
C LYS A 66 10.74 -8.42 -34.02
N LYS A 67 11.22 -8.18 -35.25
CA LYS A 67 11.27 -6.85 -35.84
C LYS A 67 9.86 -6.53 -36.33
N SER A 68 9.41 -5.33 -36.03
CA SER A 68 8.12 -4.80 -36.43
C SER A 68 8.38 -3.52 -37.22
N ALA A 69 7.36 -3.01 -37.94
CA ALA A 69 7.48 -1.77 -38.71
C ALA A 69 7.91 -0.62 -37.81
N LYS A 70 7.43 -0.61 -36.54
CA LYS A 70 7.75 0.45 -35.58
C LYS A 70 9.04 0.26 -34.75
N GLY A 71 9.61 -0.93 -34.73
CA GLY A 71 10.84 -1.23 -33.99
C GLY A 71 10.97 -2.70 -33.69
N LEU A 72 11.02 -3.04 -32.39
CA LEU A 72 11.07 -4.43 -31.88
C LEU A 72 9.78 -4.67 -31.08
N GLU A 73 9.13 -5.80 -31.31
CA GLU A 73 7.84 -6.16 -30.70
C GLU A 73 7.98 -7.49 -30.00
N SER A 74 7.52 -7.57 -28.75
CA SER A 74 7.59 -8.86 -28.06
C SER A 74 6.38 -9.70 -28.39
N ILE A 75 6.57 -11.01 -28.49
CA ILE A 75 5.58 -12.00 -28.89
C ILE A 75 4.93 -12.63 -27.66
N ARG A 76 5.75 -13.05 -26.71
CA ARG A 76 5.31 -13.61 -25.45
C ARG A 76 6.30 -13.13 -24.41
N VAL A 77 5.79 -12.67 -23.26
CA VAL A 77 6.59 -12.18 -22.16
C VAL A 77 6.24 -12.98 -20.89
N THR A 78 7.26 -13.60 -20.27
CA THR A 78 7.08 -14.36 -19.03
C THR A 78 8.07 -13.83 -17.97
N GLY A 79 8.03 -14.39 -16.77
CA GLY A 79 9.04 -14.14 -15.76
C GLY A 79 10.21 -15.08 -16.05
N PRO A 80 11.35 -14.99 -15.30
CA PRO A 80 12.49 -15.88 -15.64
C PRO A 80 12.09 -17.35 -15.59
N GLY A 81 12.53 -18.08 -16.60
CA GLY A 81 12.28 -19.51 -16.69
C GLY A 81 10.86 -19.88 -17.04
N GLY A 82 10.11 -18.94 -17.63
CA GLY A 82 8.75 -19.17 -18.13
C GLY A 82 7.62 -19.09 -17.11
N VAL A 83 7.93 -18.64 -15.87
CA VAL A 83 6.95 -18.41 -14.83
C VAL A 83 6.08 -17.18 -15.18
N PHE A 84 5.03 -16.91 -14.39
CA PHE A 84 4.15 -15.77 -14.63
C PHE A 84 4.80 -14.46 -14.24
N CYS A 85 4.36 -13.37 -14.89
CA CYS A 85 4.84 -12.03 -14.54
C CYS A 85 4.20 -11.60 -13.21
N ILE A 86 4.75 -10.58 -12.54
CA ILE A 86 4.25 -10.02 -11.30
C ILE A 86 3.06 -9.07 -11.53
N GLY A 87 3.22 -8.09 -12.42
CA GLY A 87 2.21 -7.09 -12.71
C GLY A 87 2.25 -5.88 -11.82
N SER A 88 1.36 -4.91 -12.11
CA SER A 88 1.18 -3.66 -11.39
C SER A 88 1.08 -3.91 -9.89
N GLU A 89 1.66 -2.99 -9.10
CA GLU A 89 1.63 -3.04 -7.62
C GLU A 89 0.20 -3.05 -7.08
N ARG A 90 -0.74 -2.47 -7.87
CA ARG A 90 -2.17 -2.35 -7.58
C ARG A 90 -3.02 -3.57 -7.96
N ARG A 91 -2.42 -4.58 -8.64
CA ARG A 91 -3.10 -5.82 -9.07
C ARG A 91 -3.78 -6.62 -7.93
N PRO A 92 -5.10 -6.95 -8.04
CA PRO A 92 -5.75 -7.74 -6.97
C PRO A 92 -5.13 -9.14 -6.86
N LYS A 93 -4.71 -9.51 -5.61
CA LYS A 93 -4.05 -10.77 -5.24
C LYS A 93 -2.56 -10.83 -5.72
N GLY A 94 -2.07 -9.76 -6.33
CA GLY A 94 -0.72 -9.63 -6.86
C GLY A 94 0.42 -9.92 -5.90
N GLY A 95 0.19 -9.71 -4.61
CA GLY A 95 1.16 -9.94 -3.52
C GLY A 95 1.04 -11.28 -2.81
N ASP A 96 0.28 -12.27 -3.40
CA ASP A 96 0.13 -13.63 -2.87
C ASP A 96 0.33 -14.74 -3.94
N ARG A 97 1.55 -14.74 -4.52
CA ARG A 97 2.03 -15.63 -5.58
C ARG A 97 2.82 -16.83 -5.03
N CYS A 98 2.74 -18.00 -5.69
CA CYS A 98 3.54 -19.18 -5.35
C CYS A 98 5.05 -18.85 -5.58
N TYR A 99 5.94 -19.32 -4.68
CA TYR A 99 7.37 -18.98 -4.78
C TYR A 99 8.06 -19.54 -5.99
N ASN A 100 7.58 -20.71 -6.49
CA ASN A 100 8.14 -21.44 -7.63
C ASN A 100 7.65 -20.97 -8.99
N CYS A 101 6.34 -20.69 -9.17
CA CYS A 101 5.77 -20.29 -10.46
C CYS A 101 5.14 -18.90 -10.47
N GLY A 102 4.78 -18.38 -9.31
CA GLY A 102 4.18 -17.06 -9.22
C GLY A 102 2.69 -17.05 -9.46
N GLY A 103 2.09 -18.24 -9.50
CA GLY A 103 0.66 -18.40 -9.69
C GLY A 103 -0.10 -17.89 -8.48
N LEU A 104 -1.32 -17.34 -8.71
CA LEU A 104 -2.17 -16.77 -7.64
C LEU A 104 -3.05 -17.78 -6.94
N ASP A 105 -3.22 -18.97 -7.55
CA ASP A 105 -4.11 -20.08 -7.10
C ASP A 105 -3.64 -20.91 -5.91
N HIS A 106 -2.31 -20.94 -5.62
CA HIS A 106 -1.73 -21.84 -4.60
C HIS A 106 -0.34 -21.34 -4.12
N HIS A 107 0.43 -22.25 -3.46
CA HIS A 107 1.76 -22.05 -2.88
C HIS A 107 2.71 -23.20 -3.22
N ALA A 108 4.02 -22.95 -3.08
CA ALA A 108 5.17 -23.82 -3.37
C ALA A 108 5.09 -25.29 -2.97
N LYS A 109 4.38 -25.61 -1.88
CA LYS A 109 4.21 -27.00 -1.43
C LYS A 109 3.30 -27.75 -2.42
N GLU A 110 2.21 -27.09 -2.86
CA GLU A 110 1.19 -27.65 -3.75
C GLU A 110 1.47 -27.43 -5.23
N CYS A 111 2.60 -26.77 -5.57
CA CYS A 111 3.04 -26.48 -6.94
C CYS A 111 3.50 -27.82 -7.55
N LYS A 112 3.01 -28.17 -8.76
CA LYS A 112 3.34 -29.44 -9.40
C LYS A 112 4.36 -29.35 -10.55
N LEU A 113 4.77 -28.13 -10.87
CA LEU A 113 5.77 -27.83 -11.88
C LEU A 113 7.17 -28.21 -11.36
N PRO A 114 8.18 -28.48 -12.22
CA PRO A 114 9.52 -28.81 -11.69
C PRO A 114 10.13 -27.66 -10.87
N PRO A 115 10.97 -27.95 -9.84
CA PRO A 115 11.52 -26.86 -9.02
C PRO A 115 12.35 -25.91 -9.86
N GLN A 116 12.06 -24.63 -9.69
CA GLN A 116 12.65 -23.55 -10.45
C GLN A 116 13.81 -22.93 -9.69
N PRO A 117 14.75 -22.24 -10.38
CA PRO A 117 15.81 -21.51 -9.63
C PRO A 117 15.16 -20.42 -8.78
N LYS A 118 15.74 -20.13 -7.58
CA LYS A 118 15.20 -19.13 -6.67
C LYS A 118 15.16 -17.77 -7.31
N LYS A 119 13.99 -17.13 -7.30
CA LYS A 119 13.80 -15.79 -7.86
C LYS A 119 13.31 -14.75 -6.83
N CYS A 120 13.80 -13.48 -6.89
CA CYS A 120 13.49 -12.41 -5.91
C CYS A 120 12.02 -12.35 -5.58
N HIS A 121 11.72 -12.20 -4.30
CA HIS A 121 10.33 -12.10 -3.82
C HIS A 121 9.65 -10.80 -4.27
N PHE A 122 10.43 -9.76 -4.64
CA PHE A 122 9.89 -8.48 -5.08
C PHE A 122 9.89 -8.28 -6.59
N CYS A 123 10.97 -8.63 -7.28
CA CYS A 123 11.12 -8.35 -8.70
C CYS A 123 11.35 -9.58 -9.57
N GLN A 124 11.36 -10.78 -8.99
CA GLN A 124 11.61 -12.04 -9.73
C GLN A 124 12.98 -12.22 -10.34
N SER A 125 13.93 -11.34 -10.02
CA SER A 125 15.29 -11.54 -10.53
C SER A 125 15.84 -12.85 -10.00
N ILE A 126 16.61 -13.53 -10.82
CA ILE A 126 17.30 -14.78 -10.46
C ILE A 126 18.73 -14.47 -10.04
N ASN A 127 19.11 -13.17 -10.03
CA ASN A 127 20.47 -12.70 -9.73
C ASN A 127 20.67 -12.26 -8.30
N HIS A 128 19.54 -11.97 -7.60
CA HIS A 128 19.56 -11.55 -6.23
C HIS A 128 18.33 -12.03 -5.45
N MET A 129 18.37 -11.77 -4.13
CA MET A 129 17.30 -12.09 -3.23
C MET A 129 16.75 -10.81 -2.59
N VAL A 130 15.54 -10.87 -2.05
CA VAL A 130 14.83 -9.68 -1.58
C VAL A 130 15.59 -8.77 -0.65
N ALA A 131 16.39 -9.33 0.31
CA ALA A 131 17.19 -8.52 1.24
C ALA A 131 18.29 -7.73 0.55
N SER A 132 18.50 -7.98 -0.74
CA SER A 132 19.51 -7.27 -1.53
C SER A 132 18.93 -6.75 -2.82
N CYS A 133 17.60 -6.53 -2.83
CA CYS A 133 16.90 -6.05 -3.99
C CYS A 133 17.10 -4.58 -4.31
N PRO A 134 17.81 -4.27 -5.42
CA PRO A 134 17.97 -2.87 -5.81
C PRO A 134 16.68 -2.14 -6.13
N LEU A 135 15.69 -2.85 -6.70
CA LEU A 135 14.38 -2.26 -7.01
C LEU A 135 13.59 -1.90 -5.74
N LYS A 136 13.49 -2.82 -4.77
CA LYS A 136 12.77 -2.58 -3.50
C LYS A 136 13.41 -1.45 -2.73
N ALA A 137 14.75 -1.26 -2.90
CA ALA A 137 15.51 -0.18 -2.28
C ALA A 137 15.21 1.18 -2.98
N GLN A 138 13.91 1.56 -3.02
CA GLN A 138 13.38 2.78 -3.67
C GLN A 138 12.03 3.16 -3.11
N PRO B 3 -12.06 26.82 34.43
CA PRO B 3 -12.23 25.86 33.32
C PRO B 3 -10.84 25.51 32.78
N GLN B 4 -10.22 24.49 33.38
CA GLN B 4 -8.86 24.02 33.12
C GLN B 4 -8.78 22.90 32.11
N LEU B 5 -9.72 21.96 32.13
CA LEU B 5 -9.83 20.77 31.30
C LEU B 5 -11.01 20.94 30.40
N LEU B 6 -10.75 21.04 29.09
CA LEU B 6 -11.83 21.19 28.13
C LEU B 6 -11.98 20.00 27.24
N HIS B 7 -13.20 19.77 26.74
CA HIS B 7 -13.49 18.70 25.79
C HIS B 7 -13.40 19.32 24.39
N GLY B 8 -12.82 18.55 23.47
CA GLY B 8 -12.63 18.95 22.09
C GLY B 8 -12.92 17.83 21.12
N ALA B 9 -13.28 18.18 19.90
CA ALA B 9 -13.48 17.22 18.82
C ALA B 9 -12.97 17.83 17.50
N GLY B 10 -12.40 16.98 16.67
CA GLY B 10 -11.85 17.38 15.39
C GLY B 10 -11.28 16.24 14.60
N ILE B 11 -10.21 16.53 13.90
CA ILE B 11 -9.48 15.59 13.05
C ILE B 11 -7.98 15.83 13.24
N CYS B 12 -7.16 14.85 12.87
CA CYS B 12 -5.72 15.07 12.96
C CYS B 12 -5.24 16.00 11.81
N LYS B 13 -4.52 17.07 12.13
CA LYS B 13 -3.99 18.01 11.13
C LYS B 13 -2.78 17.36 10.48
N TRP B 14 -1.83 16.91 11.30
CA TRP B 14 -0.65 16.21 10.87
C TRP B 14 -0.04 15.53 12.08
N PHE B 15 0.79 14.49 11.83
CA PHE B 15 1.53 13.75 12.83
C PHE B 15 2.78 13.16 12.19
N ASN B 16 3.92 13.32 12.90
CA ASN B 16 5.21 12.77 12.49
C ASN B 16 5.48 11.61 13.45
N VAL B 17 5.47 10.38 12.91
CA VAL B 17 5.62 9.16 13.70
C VAL B 17 6.96 9.09 14.44
N ARG B 18 8.04 9.34 13.72
CA ARG B 18 9.38 9.33 14.28
C ARG B 18 9.51 10.31 15.42
N MET B 19 9.08 11.58 15.21
CA MET B 19 9.19 12.64 16.23
C MET B 19 8.26 12.43 17.42
N GLY B 20 7.17 11.71 17.21
CA GLY B 20 6.22 11.37 18.27
C GLY B 20 5.21 12.44 18.63
N PHE B 21 5.01 13.42 17.75
CA PHE B 21 4.05 14.50 17.95
C PHE B 21 3.52 15.04 16.64
N GLY B 22 2.48 15.84 16.77
CA GLY B 22 1.75 16.49 15.68
C GLY B 22 0.69 17.39 16.26
N PHE B 23 -0.32 17.72 15.45
CA PHE B 23 -1.40 18.64 15.82
C PHE B 23 -2.74 18.16 15.37
N LEU B 24 -3.75 18.48 16.15
CA LEU B 24 -5.14 18.18 15.91
C LEU B 24 -5.78 19.49 15.47
N SER B 25 -6.82 19.39 14.61
CA SER B 25 -7.61 20.53 14.13
C SER B 25 -8.91 20.46 14.87
N MET B 26 -9.14 21.36 15.82
CA MET B 26 -10.34 21.31 16.66
C MET B 26 -11.44 22.05 15.98
N THR B 27 -12.49 21.32 15.61
CA THR B 27 -13.65 21.81 14.85
C THR B 27 -14.83 22.09 15.74
N ALA B 28 -14.74 21.65 16.99
CA ALA B 28 -15.76 21.84 18.04
C ALA B 28 -15.07 21.84 19.40
N ARG B 29 -15.28 22.90 20.19
CA ARG B 29 -14.73 23.11 21.54
C ARG B 29 -15.91 23.13 22.48
N ALA B 30 -15.92 22.20 23.47
CA ALA B 30 -16.99 22.07 24.47
C ALA B 30 -18.39 22.03 23.84
N GLY B 31 -18.49 21.33 22.71
CA GLY B 31 -19.75 21.17 22.00
C GLY B 31 -20.08 22.24 21.00
N VAL B 32 -19.42 23.41 21.08
CA VAL B 32 -19.67 24.52 20.16
C VAL B 32 -18.72 24.52 18.95
N ALA B 33 -19.30 24.56 17.71
CA ALA B 33 -18.56 24.56 16.44
C ALA B 33 -17.60 25.75 16.28
N LEU B 34 -16.35 25.43 15.86
CA LEU B 34 -15.31 26.45 15.58
C LEU B 34 -15.08 26.50 14.12
N ASP B 35 -15.11 27.72 13.57
CA ASP B 35 -14.81 27.97 12.17
C ASP B 35 -14.14 29.31 12.04
N PRO B 36 -12.82 29.37 11.76
CA PRO B 36 -11.89 28.27 11.47
C PRO B 36 -11.54 27.40 12.66
N PRO B 37 -11.01 26.17 12.41
CA PRO B 37 -10.62 25.29 13.50
C PRO B 37 -9.38 25.83 14.21
N VAL B 38 -9.12 25.31 15.41
CA VAL B 38 -7.97 25.70 16.20
C VAL B 38 -7.07 24.54 16.46
N ASP B 39 -5.77 24.73 16.19
CA ASP B 39 -4.75 23.69 16.37
C ASP B 39 -4.55 23.34 17.85
N VAL B 40 -4.48 22.05 18.16
CA VAL B 40 -4.23 21.51 19.51
C VAL B 40 -3.04 20.56 19.40
N PHE B 41 -1.97 20.79 20.17
CA PHE B 41 -0.77 19.94 20.17
C PHE B 41 -1.13 18.57 20.71
N VAL B 42 -0.59 17.51 20.08
CA VAL B 42 -0.77 16.12 20.48
C VAL B 42 0.60 15.41 20.49
N HIS B 43 0.89 14.67 21.58
CA HIS B 43 2.12 13.90 21.80
C HIS B 43 1.68 12.45 21.88
N GLN B 44 2.44 11.53 21.24
CA GLN B 44 2.09 10.11 21.16
C GLN B 44 1.69 9.48 22.48
N SER B 45 2.29 9.95 23.59
CA SER B 45 2.04 9.43 24.92
C SER B 45 0.56 9.51 25.32
N LYS B 46 -0.20 10.43 24.72
CA LYS B 46 -1.61 10.68 25.03
C LYS B 46 -2.63 10.08 24.07
N LEU B 47 -2.21 9.14 23.23
CA LEU B 47 -3.10 8.51 22.24
C LEU B 47 -3.67 7.21 22.75
N HIS B 48 -5.00 7.08 22.73
CA HIS B 48 -5.69 5.87 23.16
C HIS B 48 -5.64 4.88 22.02
N MET B 49 -4.71 3.91 22.10
CA MET B 49 -4.42 2.90 21.07
C MET B 49 -3.72 1.68 21.61
N GLU B 50 -3.83 0.56 20.85
CA GLU B 50 -3.14 -0.68 21.16
C GLU B 50 -1.78 -0.68 20.45
N GLY B 51 -0.74 -0.93 21.22
CA GLY B 51 0.64 -0.96 20.75
C GLY B 51 1.23 0.40 20.43
N PHE B 52 2.19 0.43 19.50
CA PHE B 52 2.87 1.63 19.04
C PHE B 52 1.84 2.66 18.57
N ARG B 53 1.95 3.88 19.12
CA ARG B 53 1.03 5.01 18.92
C ARG B 53 1.48 6.00 17.89
N SER B 54 0.48 6.50 17.14
CA SER B 54 0.59 7.46 16.05
C SER B 54 -0.82 7.76 15.62
N LEU B 55 -1.02 8.85 14.88
CA LEU B 55 -2.30 9.22 14.28
C LEU B 55 -2.01 9.39 12.80
N LYS B 56 -3.03 9.23 11.94
CA LYS B 56 -2.85 9.53 10.51
C LYS B 56 -3.55 10.85 10.22
N GLU B 57 -3.05 11.61 9.27
CA GLU B 57 -3.68 12.87 8.90
C GLU B 57 -5.15 12.64 8.50
N GLY B 58 -6.06 13.44 9.07
CA GLY B 58 -7.48 13.40 8.75
C GLY B 58 -8.37 12.52 9.59
N GLU B 59 -7.78 11.64 10.42
CA GLU B 59 -8.60 10.77 11.26
C GLU B 59 -9.31 11.55 12.32
N ALA B 60 -10.60 11.20 12.53
CA ALA B 60 -11.54 11.83 13.48
C ALA B 60 -11.15 11.51 14.91
N VAL B 61 -11.11 12.53 15.74
CA VAL B 61 -10.69 12.41 17.13
C VAL B 61 -11.65 13.18 18.02
N GLU B 62 -11.74 12.75 19.29
CA GLU B 62 -12.47 13.36 20.42
C GLU B 62 -11.38 13.40 21.48
N PHE B 63 -11.34 14.48 22.27
CA PHE B 63 -10.22 14.57 23.20
C PHE B 63 -10.44 15.54 24.34
N THR B 64 -9.58 15.48 25.38
CA THR B 64 -9.58 16.50 26.44
C THR B 64 -8.29 17.26 26.28
N PHE B 65 -8.34 18.57 26.57
CA PHE B 65 -7.17 19.43 26.40
C PHE B 65 -7.15 20.51 27.47
N LYS B 66 -6.04 21.27 27.51
CA LYS B 66 -5.74 22.32 28.49
C LYS B 66 -4.78 23.34 27.87
N LYS B 67 -4.68 24.53 28.51
CA LYS B 67 -3.72 25.54 28.13
C LYS B 67 -2.37 25.11 28.71
N SER B 68 -1.34 25.23 27.89
CA SER B 68 0.03 24.91 28.25
C SER B 68 0.86 26.20 27.98
N ALA B 69 2.09 26.25 28.51
CA ALA B 69 2.97 27.40 28.29
C ALA B 69 3.19 27.64 26.81
N LYS B 70 3.25 26.56 26.01
CA LYS B 70 3.47 26.62 24.57
C LYS B 70 2.22 26.81 23.68
N GLY B 71 1.02 26.60 24.23
CA GLY B 71 -0.23 26.78 23.51
C GLY B 71 -1.35 25.99 24.12
N LEU B 72 -1.95 25.07 23.34
CA LEU B 72 -2.99 24.14 23.77
C LEU B 72 -2.41 22.73 23.67
N GLU B 73 -2.59 21.92 24.71
CA GLU B 73 -2.03 20.57 24.82
C GLU B 73 -3.13 19.58 25.06
N SER B 74 -3.15 18.48 24.31
CA SER B 74 -4.17 17.47 24.54
C SER B 74 -3.73 16.51 25.63
N ILE B 75 -4.68 16.06 26.44
CA ILE B 75 -4.48 15.20 27.61
C ILE B 75 -4.68 13.75 27.24
N ARG B 76 -5.78 13.47 26.56
CA ARG B 76 -6.14 12.13 26.09
C ARG B 76 -6.81 12.34 24.76
N VAL B 77 -6.43 11.51 23.77
CA VAL B 77 -6.96 11.55 22.41
C VAL B 77 -7.49 10.18 22.04
N THR B 78 -8.76 10.12 21.67
CA THR B 78 -9.44 8.88 21.33
C THR B 78 -10.07 9.04 19.94
N GLY B 79 -10.80 8.04 19.50
CA GLY B 79 -11.60 8.15 18.29
C GLY B 79 -12.96 8.66 18.72
N PRO B 80 -13.92 8.93 17.81
CA PRO B 80 -15.22 9.42 18.28
C PRO B 80 -15.88 8.45 19.23
N GLY B 81 -16.43 9.00 20.32
CA GLY B 81 -17.11 8.21 21.35
C GLY B 81 -16.20 7.37 22.21
N GLY B 82 -14.93 7.76 22.29
CA GLY B 82 -13.93 7.11 23.14
C GLY B 82 -13.29 5.83 22.62
N VAL B 83 -13.57 5.45 21.34
CA VAL B 83 -12.98 4.27 20.69
C VAL B 83 -11.47 4.50 20.47
N PHE B 84 -10.71 3.49 20.01
CA PHE B 84 -9.27 3.72 19.76
C PHE B 84 -9.02 4.50 18.46
N CYS B 85 -7.81 5.09 18.35
CA CYS B 85 -7.39 5.81 17.13
C CYS B 85 -6.97 4.80 16.05
N ILE B 86 -6.90 5.23 14.80
CA ILE B 86 -6.48 4.43 13.65
C ILE B 86 -4.95 4.30 13.57
N GLY B 87 -4.24 5.43 13.60
CA GLY B 87 -2.79 5.48 13.49
C GLY B 87 -2.28 5.54 12.05
N SER B 88 -0.94 5.65 11.92
CA SER B 88 -0.20 5.69 10.67
C SER B 88 -0.64 4.57 9.73
N GLU B 89 -0.69 4.89 8.42
CA GLU B 89 -1.04 3.94 7.35
C GLU B 89 -0.09 2.73 7.33
N ARG B 90 1.15 2.94 7.84
CA ARG B 90 2.21 1.94 7.91
C ARG B 90 2.18 1.06 9.18
N ARG B 91 1.25 1.35 10.14
CA ARG B 91 1.07 0.58 11.38
C ARG B 91 0.74 -0.93 11.15
N PRO B 92 1.50 -1.89 11.75
CA PRO B 92 1.17 -3.33 11.58
C PRO B 92 -0.19 -3.67 12.21
N LYS B 93 -1.04 -4.41 11.45
CA LYS B 93 -2.40 -4.83 11.81
C LYS B 93 -3.43 -3.67 11.78
N GLY B 94 -2.98 -2.46 11.40
CA GLY B 94 -3.79 -1.25 11.32
C GLY B 94 -5.01 -1.28 10.39
N GLY B 95 -5.05 -2.26 9.47
CA GLY B 95 -6.15 -2.49 8.53
C GLY B 95 -7.07 -3.65 8.90
N ASP B 96 -7.03 -4.12 10.17
CA ASP B 96 -7.90 -5.20 10.71
C ASP B 96 -8.46 -4.90 12.12
N ARG B 97 -9.18 -3.77 12.22
CA ARG B 97 -9.81 -3.27 13.45
C ARG B 97 -11.27 -3.71 13.58
N CYS B 98 -11.73 -4.00 14.79
CA CYS B 98 -13.15 -4.25 15.10
C CYS B 98 -13.94 -3.00 14.63
N TYR B 99 -15.11 -3.18 13.98
CA TYR B 99 -15.91 -2.07 13.47
C TYR B 99 -16.44 -1.13 14.54
N ASN B 100 -16.65 -1.68 15.75
CA ASN B 100 -17.24 -1.00 16.90
C ASN B 100 -16.29 -0.17 17.78
N CYS B 101 -15.11 -0.71 18.10
CA CYS B 101 -14.17 -0.09 19.03
C CYS B 101 -12.83 0.27 18.40
N GLY B 102 -12.51 -0.39 17.28
CA GLY B 102 -11.24 -0.20 16.58
C GLY B 102 -10.14 -1.11 17.08
N GLY B 103 -10.50 -2.01 18.00
CA GLY B 103 -9.58 -2.93 18.63
C GLY B 103 -9.01 -3.94 17.66
N LEU B 104 -7.67 -4.12 17.67
CA LEU B 104 -6.94 -5.03 16.77
C LEU B 104 -7.08 -6.50 17.13
N ASP B 105 -7.55 -6.80 18.35
CA ASP B 105 -7.70 -8.15 18.94
C ASP B 105 -8.85 -9.02 18.42
N HIS B 106 -9.96 -8.41 17.93
CA HIS B 106 -11.20 -9.10 17.55
C HIS B 106 -12.05 -8.33 16.51
N HIS B 107 -13.31 -8.77 16.35
CA HIS B 107 -14.32 -8.22 15.44
C HIS B 107 -15.63 -7.97 16.18
N ALA B 108 -16.46 -7.06 15.60
CA ALA B 108 -17.77 -6.57 16.07
C ALA B 108 -18.76 -7.59 16.62
N LYS B 109 -18.74 -8.83 16.12
CA LYS B 109 -19.62 -9.90 16.60
C LYS B 109 -19.22 -10.32 18.03
N GLU B 110 -17.90 -10.17 18.36
CA GLU B 110 -17.32 -10.53 19.66
C GLU B 110 -17.10 -9.33 20.60
N CYS B 111 -17.45 -8.11 20.13
CA CYS B 111 -17.30 -6.88 20.91
C CYS B 111 -18.26 -6.91 22.11
N LYS B 112 -17.72 -6.78 23.33
CA LYS B 112 -18.55 -6.76 24.52
C LYS B 112 -18.92 -5.34 25.01
N LEU B 113 -18.35 -4.32 24.34
CA LEU B 113 -18.64 -2.90 24.61
C LEU B 113 -20.04 -2.55 24.07
N PRO B 114 -20.75 -1.53 24.58
CA PRO B 114 -22.08 -1.23 24.02
C PRO B 114 -22.01 -0.80 22.55
N PRO B 115 -23.03 -1.11 21.70
CA PRO B 115 -22.94 -0.74 20.28
C PRO B 115 -22.79 0.77 20.11
N GLN B 116 -21.78 1.13 19.32
CA GLN B 116 -21.40 2.50 19.09
C GLN B 116 -22.06 3.05 17.84
N PRO B 117 -22.17 4.39 17.66
CA PRO B 117 -22.69 4.92 16.39
C PRO B 117 -21.74 4.52 15.26
N LYS B 118 -22.29 4.26 14.05
CA LYS B 118 -21.48 3.86 12.88
C LYS B 118 -20.45 4.92 12.55
N LYS B 119 -19.18 4.51 12.49
CA LYS B 119 -18.09 5.41 12.14
C LYS B 119 -17.32 4.99 10.85
N CYS B 120 -16.86 5.97 10.01
CA CYS B 120 -16.22 5.70 8.72
C CYS B 120 -15.13 4.63 8.76
N HIS B 121 -15.21 3.66 7.84
CA HIS B 121 -14.24 2.56 7.78
C HIS B 121 -12.81 3.04 7.50
N PHE B 122 -12.64 4.26 6.92
CA PHE B 122 -11.33 4.79 6.60
C PHE B 122 -10.79 5.81 7.61
N CYS B 123 -11.61 6.76 8.04
CA CYS B 123 -11.18 7.87 8.88
C CYS B 123 -11.90 7.97 10.23
N GLN B 124 -12.81 7.03 10.54
CA GLN B 124 -13.65 6.99 11.76
C GLN B 124 -14.66 8.12 11.93
N SER B 125 -14.83 8.99 10.94
CA SER B 125 -15.83 10.02 11.09
C SER B 125 -17.22 9.40 11.34
N ILE B 126 -18.02 10.07 12.20
CA ILE B 126 -19.39 9.65 12.53
C ILE B 126 -20.37 10.42 11.64
N ASN B 127 -19.86 11.28 10.75
CA ASN B 127 -20.67 12.16 9.89
C ASN B 127 -20.85 11.61 8.49
N HIS B 128 -19.99 10.68 8.09
CA HIS B 128 -20.07 10.02 6.79
C HIS B 128 -19.65 8.55 6.84
N MET B 129 -19.84 7.88 5.70
CA MET B 129 -19.46 6.50 5.51
C MET B 129 -18.43 6.40 4.40
N VAL B 130 -17.71 5.28 4.35
CA VAL B 130 -16.60 5.08 3.44
C VAL B 130 -16.86 5.40 1.98
N ALA B 131 -18.06 5.07 1.44
CA ALA B 131 -18.40 5.38 0.05
C ALA B 131 -18.50 6.89 -0.22
N SER B 132 -18.38 7.71 0.80
CA SER B 132 -18.46 9.16 0.70
C SER B 132 -17.38 9.84 1.51
N CYS B 133 -16.27 9.11 1.79
CA CYS B 133 -15.15 9.60 2.60
C CYS B 133 -14.29 10.61 1.85
N PRO B 134 -14.36 11.92 2.22
CA PRO B 134 -13.49 12.92 1.56
C PRO B 134 -12.00 12.64 1.69
N LEU B 135 -11.57 12.05 2.81
CA LEU B 135 -10.17 11.71 3.03
C LEU B 135 -9.71 10.61 2.09
N LYS B 136 -10.48 9.49 1.98
CA LYS B 136 -10.14 8.37 1.07
C LYS B 136 -10.05 8.83 -0.37
N ALA B 137 -10.84 9.86 -0.74
CA ALA B 137 -10.86 10.48 -2.06
C ALA B 137 -9.58 11.34 -2.27
N GLN B 138 -8.39 10.74 -2.10
CA GLN B 138 -7.06 11.37 -2.21
C GLN B 138 -5.98 10.33 -2.53
O5' GMP C 1 -7.22 1.79 3.94
C5' GMP C 1 -6.92 1.48 5.30
C4' GMP C 1 -7.89 0.48 5.92
O4' GMP C 1 -9.20 1.07 6.21
C3' GMP C 1 -8.19 -0.77 5.12
O3' GMP C 1 -7.18 -1.71 5.26
C2' GMP C 1 -9.51 -1.23 5.74
O2' GMP C 1 -9.36 -1.92 6.97
C1' GMP C 1 -10.21 0.10 5.98
N9 GMP C 1 -11.00 0.53 4.84
C8 GMP C 1 -10.68 1.54 3.95
N7 GMP C 1 -11.54 1.69 2.99
C5 GMP C 1 -12.50 0.72 3.26
C6 GMP C 1 -13.69 0.42 2.57
O6 GMP C 1 -14.10 0.95 1.52
N1 GMP C 1 -14.42 -0.62 3.14
C2 GMP C 1 -14.03 -1.33 4.25
N2 GMP C 1 -14.87 -2.32 4.63
N3 GMP C 1 -12.90 -1.05 4.92
C4 GMP C 1 -12.19 -0.02 4.37
O5' GMP D 1 5.73 -5.82 -2.24
C5' GMP D 1 4.96 -6.62 -3.11
C4' GMP D 1 4.91 -8.07 -2.68
O4' GMP D 1 6.18 -8.74 -2.92
C3' GMP D 1 4.57 -8.37 -1.24
O3' GMP D 1 3.21 -8.29 -1.03
C2' GMP D 1 5.11 -9.80 -1.10
O2' GMP D 1 4.26 -10.79 -1.65
C1' GMP D 1 6.40 -9.70 -1.90
N9 GMP D 1 7.54 -9.27 -1.08
C8 GMP D 1 8.13 -8.03 -1.10
N7 GMP D 1 9.12 -7.92 -0.27
C5 GMP D 1 9.17 -9.15 0.34
C6 GMP D 1 10.05 -9.62 1.35
O6 GMP D 1 10.93 -8.96 1.91
N1 GMP D 1 9.80 -10.94 1.71
C2 GMP D 1 8.80 -11.71 1.20
N2 GMP D 1 8.71 -12.96 1.70
N3 GMP D 1 7.94 -11.29 0.27
C4 GMP D 1 8.20 -10.01 -0.12
ZN ZN E . 3.46 -22.86 -8.24
ZN ZN F . 14.66 -7.99 -6.54
ZN ZN G . -14.79 -4.16 19.62
ZN ZN H . -14.13 8.91 6.15
#